data_7K7Q
#
_entry.id   7K7Q
#
_cell.length_a   70.060
_cell.length_b   65.880
_cell.length_c   75.250
_cell.angle_alpha   90.00
_cell.angle_beta   112.90
_cell.angle_gamma   90.00
#
_symmetry.space_group_name_H-M   'P 1 21 1'
#
loop_
_entity.id
_entity.type
_entity.pdbx_description
1 polymer 'Non-receptor tyrosine-protein kinase TYK2'
2 non-polymer 6-[(cyclopropanecarbonyl)amino]-4-({3-[6-(dimethylcarbamoyl)pyridazin-3-yl]-2-methoxyphenyl}amino)-N-methylpyridazine-3-carboxamide
3 water water
#
_entity_poly.entity_id   1
_entity_poly.type   'polypeptide(L)'
_entity_poly.pdbx_seq_one_letter_code
;MGSSHHHHHHSSGETVRFQGHMNLSQLSFHRVDQKEITQLSHLGQGTRTNVYEGRLRVEGSGDPEEGKMDDEDPLVPGRD
RGQELRVVLKVLDPSHHDIALAFYETASLMSQVSHTHLAFVHGVCVRGPENIMVTEYVEHGPLDVWLRRERGHVPMAWKM
VVAQQLASALSYLENKNLVHGNVCGRNILLARLGLAEGTSPFIKLSDPGVGLGALSREERVERIPWLAPECLPGGANSLS
TAMDKWGFGATLLEICFDGEAPLQSRSPSEKEHFYQRQHRLPEPSCPQLATLTSQCLTYEPTQRPSFRTILRDLTRL
;
_entity_poly.pdbx_strand_id   A,B
#
loop_
_chem_comp.id
_chem_comp.type
_chem_comp.name
_chem_comp.formula
VZG non-polymer 6-[(cyclopropanecarbonyl)amino]-4-({3-[6-(dimethylcarbamoyl)pyridazin-3-yl]-2-methoxyphenyl}amino)-N-methylpyridazine-3-carboxamide 'C24 H26 N8 O4'
#
# COMPACT_ATOMS: atom_id res chain seq x y z
N SER A 28 -16.42 27.73 -5.33
CA SER A 28 -16.34 26.94 -6.57
C SER A 28 -15.13 25.98 -6.61
N PHE A 29 -14.53 25.74 -7.80
CA PHE A 29 -13.39 24.84 -8.02
C PHE A 29 -12.28 25.49 -8.82
N HIS A 30 -11.05 24.90 -8.77
CA HIS A 30 -9.88 25.38 -9.52
C HIS A 30 -9.99 24.96 -10.98
N ARG A 31 -9.58 25.85 -11.90
CA ARG A 31 -9.56 25.53 -13.31
C ARG A 31 -8.19 25.03 -13.62
N VAL A 32 -8.12 23.87 -14.28
CA VAL A 32 -6.85 23.25 -14.65
C VAL A 32 -6.71 23.40 -16.16
N ASP A 33 -5.56 23.88 -16.64
CA ASP A 33 -5.32 23.99 -18.07
C ASP A 33 -4.92 22.60 -18.58
N GLN A 34 -5.27 22.26 -19.83
CA GLN A 34 -4.90 20.97 -20.42
C GLN A 34 -3.38 20.76 -20.50
N LYS A 35 -2.59 21.87 -20.55
CA LYS A 35 -1.12 21.87 -20.56
C LYS A 35 -0.55 21.32 -19.25
N GLU A 36 -1.30 21.44 -18.13
CA GLU A 36 -0.88 20.94 -16.82
C GLU A 36 -1.08 19.43 -16.65
N ILE A 37 -1.92 18.78 -17.48
CA ILE A 37 -2.21 17.37 -17.26
C ILE A 37 -1.77 16.43 -18.40
N THR A 38 -1.52 15.17 -18.01
CA THR A 38 -1.12 14.03 -18.83
C THR A 38 -2.09 12.88 -18.52
N GLN A 39 -2.73 12.30 -19.54
CA GLN A 39 -3.63 11.15 -19.42
C GLN A 39 -2.92 9.83 -19.72
N LEU A 40 -3.08 8.84 -18.82
CA LEU A 40 -2.40 7.54 -18.93
C LEU A 40 -3.38 6.36 -18.91
N SER A 41 -3.04 5.27 -18.19
CA SER A 41 -3.83 4.04 -18.15
C SER A 41 -5.31 4.23 -17.76
N HIS A 42 -6.19 3.48 -18.43
CA HIS A 42 -7.64 3.41 -18.17
C HIS A 42 -7.81 2.57 -16.90
N LEU A 43 -8.47 3.11 -15.86
CA LEU A 43 -8.71 2.42 -14.58
C LEU A 43 -10.10 1.76 -14.52
N GLY A 44 -11.07 2.38 -15.17
CA GLY A 44 -12.43 1.85 -15.21
C GLY A 44 -13.41 2.88 -15.73
N GLN A 45 -14.69 2.62 -15.53
CA GLN A 45 -15.74 3.50 -16.02
C GLN A 45 -16.68 3.86 -14.92
N GLY A 46 -17.16 5.08 -14.96
CA GLY A 46 -18.15 5.60 -14.04
C GLY A 46 -19.41 5.95 -14.80
N THR A 47 -20.43 6.47 -14.11
CA THR A 47 -21.66 6.89 -14.78
C THR A 47 -21.30 8.09 -15.66
N ARG A 48 -21.30 7.86 -17.00
CA ARG A 48 -20.99 8.81 -18.07
C ARG A 48 -19.54 9.29 -18.04
N THR A 49 -18.65 8.51 -17.42
CA THR A 49 -17.23 8.85 -17.35
C THR A 49 -16.30 7.66 -17.62
N ASN A 50 -15.06 7.99 -17.95
CA ASN A 50 -13.98 7.04 -18.08
C ASN A 50 -12.94 7.51 -17.10
N VAL A 51 -12.40 6.58 -16.33
CA VAL A 51 -11.46 6.93 -15.26
C VAL A 51 -10.06 6.49 -15.68
N TYR A 52 -9.09 7.42 -15.59
CA TYR A 52 -7.70 7.18 -15.96
C TYR A 52 -6.75 7.59 -14.88
N GLU A 53 -5.57 6.96 -14.88
CA GLU A 53 -4.46 7.44 -14.10
C GLU A 53 -3.89 8.61 -14.99
N GLY A 54 -3.31 9.61 -14.37
CA GLY A 54 -2.70 10.72 -15.08
C GLY A 54 -1.63 11.41 -14.27
N ARG A 55 -1.18 12.58 -14.76
CA ARG A 55 -0.17 13.39 -14.07
C ARG A 55 -0.54 14.85 -14.15
N LEU A 56 -0.36 15.58 -13.05
CA LEU A 56 -0.62 17.01 -12.93
C LEU A 56 0.75 17.67 -12.67
N ARG A 57 1.16 18.60 -13.56
CA ARG A 57 2.45 19.32 -13.51
C ARG A 57 2.50 20.39 -12.43
N GLU A 84 5.58 16.84 -11.20
CA GLU A 84 4.61 15.92 -11.77
C GLU A 84 3.96 15.01 -10.71
N LEU A 85 2.74 15.40 -10.27
CA LEU A 85 1.91 14.71 -9.27
C LEU A 85 1.05 13.62 -9.90
N ARG A 86 1.01 12.41 -9.28
CA ARG A 86 0.16 11.31 -9.73
C ARG A 86 -1.28 11.62 -9.31
N VAL A 87 -2.19 11.54 -10.26
CA VAL A 87 -3.60 11.86 -10.06
C VAL A 87 -4.49 10.83 -10.76
N VAL A 88 -5.79 11.04 -10.58
CA VAL A 88 -6.83 10.31 -11.29
C VAL A 88 -7.57 11.38 -12.12
N LEU A 89 -7.86 11.05 -13.36
CA LEU A 89 -8.60 11.91 -14.28
C LEU A 89 -9.90 11.22 -14.59
N LYS A 90 -11.02 11.93 -14.30
CA LYS A 90 -12.38 11.45 -14.54
C LYS A 90 -12.92 12.24 -15.72
N VAL A 91 -12.86 11.59 -16.87
CA VAL A 91 -13.25 12.16 -18.14
C VAL A 91 -14.75 11.96 -18.41
N LEU A 92 -15.49 13.08 -18.40
CA LEU A 92 -16.89 13.08 -18.71
C LEU A 92 -17.10 12.85 -20.20
N ASP A 93 -18.05 11.99 -20.58
CA ASP A 93 -18.41 11.73 -21.97
C ASP A 93 -18.88 13.05 -22.63
N PRO A 94 -18.90 13.18 -23.99
CA PRO A 94 -19.56 14.36 -24.59
C PRO A 94 -21.01 14.36 -24.05
N SER A 95 -21.41 15.46 -23.42
CA SER A 95 -22.66 15.58 -22.67
C SER A 95 -23.39 16.88 -22.88
N HIS A 96 -24.67 16.85 -22.55
CA HIS A 96 -25.65 17.93 -22.47
C HIS A 96 -25.16 18.80 -21.29
N HIS A 97 -25.54 20.10 -21.35
CA HIS A 97 -25.18 21.09 -20.36
C HIS A 97 -25.70 20.75 -18.95
N ASP A 98 -26.86 20.05 -18.83
CA ASP A 98 -27.35 19.68 -17.50
C ASP A 98 -26.46 18.63 -16.84
N ILE A 99 -25.82 17.73 -17.63
CA ILE A 99 -24.89 16.73 -17.11
C ILE A 99 -23.53 17.38 -16.73
N ALA A 100 -22.96 18.27 -17.59
CA ALA A 100 -21.74 19.02 -17.30
C ALA A 100 -21.90 19.86 -16.03
N LEU A 101 -23.08 20.48 -15.85
CA LEU A 101 -23.48 21.27 -14.67
C LEU A 101 -23.48 20.42 -13.40
N ALA A 102 -24.09 19.21 -13.47
CA ALA A 102 -24.13 18.29 -12.33
C ALA A 102 -22.72 17.80 -11.98
N PHE A 103 -21.82 17.71 -12.98
CA PHE A 103 -20.41 17.34 -12.84
C PHE A 103 -19.64 18.50 -12.17
N TYR A 104 -19.91 19.78 -12.60
CA TYR A 104 -19.27 20.96 -11.98
C TYR A 104 -19.69 21.12 -10.53
N GLU A 105 -20.96 20.88 -10.22
CA GLU A 105 -21.49 20.92 -8.85
C GLU A 105 -20.73 19.94 -7.93
N THR A 106 -20.40 18.71 -8.42
CA THR A 106 -19.61 17.69 -7.69
C THR A 106 -18.20 18.22 -7.43
N ALA A 107 -17.56 18.79 -8.44
CA ALA A 107 -16.25 19.40 -8.33
C ALA A 107 -16.27 20.55 -7.30
N SER A 108 -17.32 21.39 -7.34
CA SER A 108 -17.56 22.52 -6.44
C SER A 108 -17.68 22.06 -4.98
N LEU A 109 -18.55 21.08 -4.73
CA LEU A 109 -18.77 20.47 -3.41
C LEU A 109 -17.44 19.89 -2.84
N MET A 110 -16.73 19.11 -3.66
CA MET A 110 -15.49 18.45 -3.25
C MET A 110 -14.35 19.42 -2.99
N SER A 111 -14.33 20.53 -3.73
CA SER A 111 -13.32 21.58 -3.59
C SER A 111 -13.51 22.39 -2.30
N GLN A 112 -14.76 22.46 -1.78
CA GLN A 112 -15.09 23.21 -0.57
C GLN A 112 -15.10 22.36 0.71
N VAL A 113 -14.69 21.09 0.63
CA VAL A 113 -14.62 20.18 1.77
C VAL A 113 -13.19 19.76 2.03
N SER A 114 -12.91 19.40 3.27
CA SER A 114 -11.60 18.90 3.68
C SER A 114 -11.76 17.96 4.86
N HIS A 115 -11.51 16.69 4.61
CA HIS A 115 -11.63 15.65 5.62
C HIS A 115 -10.62 14.57 5.24
N THR A 116 -10.05 13.96 6.25
CA THR A 116 -9.05 12.91 6.24
C THR A 116 -9.55 11.66 5.42
N HIS A 117 -10.85 11.33 5.48
CA HIS A 117 -11.43 10.19 4.76
C HIS A 117 -12.23 10.61 3.51
N LEU A 118 -11.97 11.82 2.97
CA LEU A 118 -12.57 12.30 1.72
C LEU A 118 -11.45 12.49 0.73
N ALA A 119 -11.63 12.00 -0.51
CA ALA A 119 -10.59 12.16 -1.54
C ALA A 119 -10.57 13.61 -2.02
N PHE A 120 -9.37 14.10 -2.33
CA PHE A 120 -9.09 15.47 -2.77
C PHE A 120 -9.43 15.63 -4.25
N VAL A 121 -9.96 16.81 -4.59
CA VAL A 121 -10.22 17.21 -5.98
C VAL A 121 -9.32 18.40 -6.26
N HIS A 122 -8.42 18.27 -7.24
CA HIS A 122 -7.49 19.33 -7.67
C HIS A 122 -8.19 20.42 -8.51
N GLY A 123 -9.21 20.02 -9.26
CA GLY A 123 -9.96 20.92 -10.12
C GLY A 123 -10.53 20.29 -11.36
N VAL A 124 -10.97 21.14 -12.30
CA VAL A 124 -11.60 20.71 -13.55
C VAL A 124 -10.90 21.31 -14.73
N CYS A 125 -10.73 20.48 -15.75
CA CYS A 125 -10.19 20.87 -17.03
C CYS A 125 -11.27 20.73 -18.11
N VAL A 126 -11.41 21.74 -18.95
CA VAL A 126 -12.34 21.69 -20.09
C VAL A 126 -11.48 21.46 -21.35
N ARG A 127 -11.58 20.24 -21.93
CA ARG A 127 -10.80 19.77 -23.07
C ARG A 127 -11.59 18.86 -24.08
N GLY A 128 -12.36 19.41 -25.03
CA GLY A 128 -13.01 20.70 -25.21
C GLY A 128 -14.47 20.32 -25.01
N PRO A 129 -15.05 19.37 -25.82
CA PRO A 129 -16.38 18.82 -25.46
C PRO A 129 -16.28 17.85 -24.27
N GLU A 130 -15.04 17.65 -23.72
CA GLU A 130 -14.80 16.79 -22.55
C GLU A 130 -14.50 17.64 -21.32
N ASN A 131 -15.12 17.26 -20.23
CA ASN A 131 -14.92 17.85 -18.92
C ASN A 131 -14.14 16.80 -18.13
N ILE A 132 -13.00 17.21 -17.54
CA ILE A 132 -12.10 16.33 -16.82
C ILE A 132 -11.98 16.76 -15.39
N MET A 133 -12.41 15.91 -14.44
CA MET A 133 -12.21 16.21 -13.04
C MET A 133 -10.85 15.61 -12.67
N VAL A 134 -9.97 16.44 -12.12
CA VAL A 134 -8.62 16.07 -11.71
C VAL A 134 -8.70 15.78 -10.21
N THR A 135 -8.48 14.52 -9.81
CA THR A 135 -8.66 14.10 -8.43
C THR A 135 -7.43 13.36 -7.90
N GLU A 136 -7.38 13.19 -6.59
CA GLU A 136 -6.39 12.42 -5.86
C GLU A 136 -6.38 10.94 -6.38
N TYR A 137 -5.19 10.37 -6.52
CA TYR A 137 -4.94 8.97 -6.87
C TYR A 137 -4.76 8.23 -5.53
N VAL A 138 -5.57 7.19 -5.32
CA VAL A 138 -5.55 6.42 -4.07
C VAL A 138 -4.95 5.05 -4.44
N GLU A 139 -3.81 4.73 -3.78
CA GLU A 139 -2.92 3.60 -4.02
C GLU A 139 -3.56 2.28 -4.43
N HIS A 140 -4.51 1.75 -3.63
CA HIS A 140 -5.07 0.39 -3.86
C HIS A 140 -6.44 0.36 -4.46
N GLY A 141 -6.96 1.53 -4.81
CA GLY A 141 -8.24 1.62 -5.51
C GLY A 141 -9.47 1.15 -4.78
N PRO A 142 -10.52 0.86 -5.58
CA PRO A 142 -11.86 0.55 -5.03
C PRO A 142 -11.95 -0.63 -4.06
N LEU A 143 -12.66 -0.39 -2.96
CA LEU A 143 -12.91 -1.33 -1.88
C LEU A 143 -13.64 -2.58 -2.35
N ASP A 144 -14.71 -2.42 -3.16
CA ASP A 144 -15.52 -3.55 -3.65
C ASP A 144 -14.68 -4.58 -4.42
N VAL A 145 -13.77 -4.10 -5.27
CA VAL A 145 -12.85 -4.92 -6.07
C VAL A 145 -11.92 -5.72 -5.14
N TRP A 146 -11.40 -5.05 -4.10
CA TRP A 146 -10.51 -5.64 -3.11
C TRP A 146 -11.21 -6.70 -2.24
N LEU A 147 -12.48 -6.43 -1.83
CA LEU A 147 -13.26 -7.36 -1.04
C LEU A 147 -13.51 -8.68 -1.78
N ARG A 148 -13.77 -8.60 -3.10
CA ARG A 148 -14.01 -9.79 -3.94
C ARG A 148 -12.74 -10.62 -4.15
N ARG A 149 -11.57 -9.97 -4.26
CA ARG A 149 -10.27 -10.64 -4.42
C ARG A 149 -9.86 -11.36 -3.09
N GLU A 150 -10.22 -10.77 -1.95
CA GLU A 150 -9.91 -11.26 -0.61
C GLU A 150 -11.08 -11.97 0.10
N ARG A 151 -12.19 -12.31 -0.65
CA ARG A 151 -13.38 -12.95 -0.09
C ARG A 151 -13.05 -14.15 0.79
N GLY A 152 -13.64 -14.14 1.99
CA GLY A 152 -13.47 -15.15 3.03
C GLY A 152 -12.23 -14.99 3.86
N HIS A 153 -11.44 -13.93 3.61
CA HIS A 153 -10.19 -13.67 4.34
C HIS A 153 -10.12 -12.26 4.92
N VAL A 154 -11.26 -11.58 5.02
CA VAL A 154 -11.33 -10.20 5.54
C VAL A 154 -11.90 -10.26 6.97
N PRO A 155 -11.06 -9.98 7.99
CA PRO A 155 -11.55 -10.03 9.38
C PRO A 155 -12.60 -8.98 9.71
N MET A 156 -13.45 -9.29 10.70
CA MET A 156 -14.51 -8.43 11.17
C MET A 156 -13.99 -7.11 11.73
N ALA A 157 -12.85 -7.16 12.44
CA ALA A 157 -12.21 -5.98 13.03
C ALA A 157 -11.77 -4.99 11.94
N TRP A 158 -11.31 -5.51 10.78
CA TRP A 158 -10.90 -4.73 9.60
C TRP A 158 -12.15 -3.97 9.06
N LYS A 159 -13.28 -4.69 8.96
CA LYS A 159 -14.54 -4.16 8.46
C LYS A 159 -15.12 -3.04 9.34
N MET A 160 -14.90 -3.13 10.67
CA MET A 160 -15.36 -2.15 11.65
C MET A 160 -14.58 -0.85 11.52
N VAL A 161 -13.26 -0.94 11.22
CA VAL A 161 -12.39 0.22 11.00
C VAL A 161 -12.94 0.99 9.78
N VAL A 162 -13.19 0.28 8.65
CA VAL A 162 -13.72 0.86 7.41
C VAL A 162 -15.06 1.59 7.67
N ALA A 163 -15.98 0.93 8.38
CA ALA A 163 -17.29 1.45 8.76
C ALA A 163 -17.16 2.76 9.56
N GLN A 164 -16.24 2.81 10.55
CA GLN A 164 -16.01 3.99 11.39
C GLN A 164 -15.44 5.14 10.57
N GLN A 165 -14.49 4.83 9.70
CA GLN A 165 -13.86 5.84 8.85
C GLN A 165 -14.87 6.41 7.86
N LEU A 166 -15.75 5.55 7.33
CA LEU A 166 -16.79 5.98 6.41
C LEU A 166 -17.81 6.85 7.15
N ALA A 167 -18.25 6.43 8.34
CA ALA A 167 -19.21 7.19 9.18
C ALA A 167 -18.60 8.54 9.60
N SER A 168 -17.28 8.58 9.86
CA SER A 168 -16.57 9.81 10.21
C SER A 168 -16.67 10.83 9.07
N ALA A 169 -16.44 10.38 7.80
CA ALA A 169 -16.52 11.23 6.61
C ALA A 169 -17.94 11.72 6.39
N LEU A 170 -18.92 10.84 6.63
CA LEU A 170 -20.32 11.16 6.40
C LEU A 170 -20.93 12.05 7.49
N SER A 171 -20.42 11.96 8.74
CA SER A 171 -20.79 12.80 9.88
C SER A 171 -20.31 14.22 9.62
N TYR A 172 -19.08 14.36 9.09
CA TYR A 172 -18.53 15.65 8.70
C TYR A 172 -19.43 16.34 7.65
N LEU A 173 -19.87 15.60 6.60
CA LEU A 173 -20.73 16.12 5.53
C LEU A 173 -22.11 16.46 6.09
N GLU A 174 -22.67 15.58 6.95
CA GLU A 174 -23.97 15.80 7.60
C GLU A 174 -24.02 17.13 8.39
N ASN A 175 -22.95 17.41 9.19
CA ASN A 175 -22.82 18.63 9.99
C ASN A 175 -22.79 19.88 9.13
N LYS A 176 -22.26 19.77 7.89
CA LYS A 176 -22.18 20.86 6.95
C LYS A 176 -23.42 20.90 6.04
N ASN A 177 -24.42 20.02 6.30
CA ASN A 177 -25.65 19.85 5.49
C ASN A 177 -25.32 19.64 3.98
N LEU A 178 -24.33 18.76 3.73
CA LEU A 178 -23.88 18.42 2.39
C LEU A 178 -24.20 16.99 2.11
N VAL A 179 -24.68 16.71 0.88
CA VAL A 179 -25.08 15.35 0.47
C VAL A 179 -24.09 14.81 -0.55
N HIS A 180 -23.63 13.57 -0.32
CA HIS A 180 -22.73 12.86 -1.23
C HIS A 180 -23.61 12.29 -2.36
N GLY A 181 -24.57 11.45 -2.00
CA GLY A 181 -25.53 10.88 -2.94
C GLY A 181 -25.12 9.60 -3.63
N ASN A 182 -23.86 9.15 -3.44
CA ASN A 182 -23.40 7.93 -4.09
C ASN A 182 -22.44 7.12 -3.20
N VAL A 183 -22.90 6.79 -2.00
CA VAL A 183 -22.09 5.99 -1.08
C VAL A 183 -22.26 4.51 -1.49
N CYS A 184 -21.16 3.87 -1.88
CA CYS A 184 -21.10 2.46 -2.25
C CYS A 184 -19.62 2.04 -2.14
N GLY A 185 -19.36 0.74 -2.10
CA GLY A 185 -18.01 0.19 -2.00
C GLY A 185 -17.08 0.63 -3.11
N ARG A 186 -17.61 0.77 -4.34
CA ARG A 186 -16.86 1.25 -5.49
C ARG A 186 -16.28 2.65 -5.29
N ASN A 187 -17.01 3.53 -4.58
CA ASN A 187 -16.54 4.89 -4.26
C ASN A 187 -15.71 4.97 -2.99
N ILE A 188 -15.42 3.83 -2.39
CA ILE A 188 -14.55 3.78 -1.22
C ILE A 188 -13.19 3.33 -1.71
N LEU A 189 -12.20 4.19 -1.54
CA LEU A 189 -10.87 3.86 -2.03
C LEU A 189 -9.93 3.55 -0.87
N LEU A 190 -9.06 2.56 -1.08
CA LEU A 190 -8.11 2.07 -0.09
C LEU A 190 -6.74 2.73 -0.22
N ALA A 191 -6.39 3.66 0.72
CA ALA A 191 -5.07 4.32 0.71
C ALA A 191 -4.07 3.40 1.39
N ARG A 192 -4.50 2.64 2.40
CA ARG A 192 -3.68 1.64 3.10
C ARG A 192 -4.54 0.42 3.23
N LEU A 193 -3.94 -0.75 3.07
CA LEU A 193 -4.67 -2.01 3.15
C LEU A 193 -4.89 -2.53 4.59
N GLY A 194 -3.96 -2.26 5.50
CA GLY A 194 -4.06 -2.77 6.86
C GLY A 194 -4.02 -4.28 6.96
N LEU A 195 -3.09 -4.91 6.21
CA LEU A 195 -2.87 -6.36 6.15
C LEU A 195 -1.81 -6.83 7.16
N ALA A 196 -0.78 -6.02 7.38
CA ALA A 196 0.29 -6.35 8.34
C ALA A 196 -0.21 -6.20 9.78
N GLU A 197 0.42 -6.92 10.70
CA GLU A 197 0.04 -6.87 12.13
C GLU A 197 0.31 -5.47 12.67
N GLY A 198 -0.60 -4.93 13.46
CA GLY A 198 -0.44 -3.59 14.02
C GLY A 198 -0.75 -2.45 13.05
N THR A 199 -1.33 -2.78 11.87
CA THR A 199 -1.73 -1.80 10.86
C THR A 199 -3.24 -1.89 10.64
N SER A 200 -3.84 -0.76 10.30
CA SER A 200 -5.27 -0.64 10.06
C SER A 200 -5.56 -0.22 8.62
N PRO A 201 -6.73 -0.57 8.03
CA PRO A 201 -7.04 -0.02 6.70
C PRO A 201 -7.18 1.50 6.80
N PHE A 202 -7.02 2.21 5.69
CA PHE A 202 -7.25 3.65 5.63
C PHE A 202 -8.01 3.92 4.34
N ILE A 203 -9.23 4.44 4.44
CA ILE A 203 -10.09 4.75 3.29
C ILE A 203 -10.15 6.24 2.91
N LYS A 204 -10.57 6.48 1.65
CA LYS A 204 -10.87 7.78 1.08
C LYS A 204 -12.19 7.63 0.28
N LEU A 205 -13.29 8.31 0.70
CA LEU A 205 -14.54 8.32 -0.05
C LEU A 205 -14.32 9.23 -1.25
N SER A 206 -14.55 8.68 -2.43
CA SER A 206 -14.40 9.38 -3.70
C SER A 206 -15.48 10.44 -3.86
N ASP A 207 -15.31 11.33 -4.85
CA ASP A 207 -16.32 12.31 -5.24
C ASP A 207 -17.54 11.50 -5.75
N PRO A 208 -18.76 12.04 -5.68
CA PRO A 208 -19.90 11.26 -6.18
C PRO A 208 -20.08 11.21 -7.72
N GLY A 209 -19.13 11.72 -8.52
CA GLY A 209 -19.23 11.77 -9.98
C GLY A 209 -20.38 12.64 -10.45
N VAL A 210 -21.04 12.30 -11.58
CA VAL A 210 -22.22 13.04 -12.05
C VAL A 210 -23.32 12.92 -10.99
N GLY A 211 -23.87 14.06 -10.57
CA GLY A 211 -24.92 14.15 -9.56
C GLY A 211 -26.12 13.28 -9.89
N LEU A 212 -26.68 12.66 -8.84
CA LEU A 212 -27.84 11.78 -8.87
C LEU A 212 -29.08 12.42 -9.55
N GLY A 213 -29.29 13.73 -9.33
CA GLY A 213 -30.41 14.48 -9.88
C GLY A 213 -30.44 14.60 -11.39
N ALA A 214 -29.28 14.48 -12.04
CA ALA A 214 -29.14 14.59 -13.49
C ALA A 214 -29.25 13.26 -14.24
N LEU A 215 -29.32 12.13 -13.54
CA LEU A 215 -29.40 10.81 -14.19
C LEU A 215 -30.82 10.38 -14.57
N SER A 216 -30.90 9.46 -15.55
CA SER A 216 -32.17 8.85 -15.99
C SER A 216 -32.65 7.82 -14.97
N ARG A 217 -33.96 7.45 -15.00
N ARG A 217 -33.94 7.47 -15.02
CA ARG A 217 -34.55 6.45 -14.11
CA ARG A 217 -34.63 6.48 -14.20
C ARG A 217 -33.81 5.12 -14.23
C ARG A 217 -33.90 5.13 -14.27
N GLU A 218 -33.45 4.74 -15.48
CA GLU A 218 -32.70 3.53 -15.80
C GLU A 218 -31.35 3.52 -15.04
N GLU A 219 -30.63 4.67 -15.02
CA GLU A 219 -29.37 4.80 -14.29
C GLU A 219 -29.59 4.72 -12.78
N ARG A 220 -30.71 5.28 -12.29
CA ARG A 220 -31.05 5.23 -10.86
C ARG A 220 -31.42 3.81 -10.40
N VAL A 221 -32.14 3.04 -11.26
CA VAL A 221 -32.52 1.65 -10.98
C VAL A 221 -31.25 0.77 -10.92
N GLU A 222 -30.25 1.05 -11.78
CA GLU A 222 -28.95 0.37 -11.79
C GLU A 222 -28.19 0.55 -10.45
N ARG A 223 -28.52 1.61 -9.71
CA ARG A 223 -27.86 1.95 -8.44
C ARG A 223 -28.47 1.27 -7.21
N ILE A 224 -29.61 0.52 -7.36
CA ILE A 224 -30.26 -0.27 -6.29
C ILE A 224 -29.29 -1.44 -5.96
N PRO A 225 -29.01 -1.80 -4.69
CA PRO A 225 -29.61 -1.34 -3.41
C PRO A 225 -28.97 -0.11 -2.73
N TRP A 226 -27.99 0.54 -3.37
CA TRP A 226 -27.31 1.69 -2.75
C TRP A 226 -28.16 2.94 -2.78
N LEU A 227 -28.93 3.09 -3.85
CA LEU A 227 -29.80 4.24 -4.08
C LEU A 227 -30.91 4.28 -3.02
N ALA A 228 -31.10 5.44 -2.38
CA ALA A 228 -32.17 5.65 -1.39
C ALA A 228 -33.53 5.54 -2.12
N PRO A 229 -34.55 4.85 -1.52
CA PRO A 229 -35.84 4.67 -2.23
C PRO A 229 -36.57 5.94 -2.64
N GLU A 230 -36.44 7.02 -1.84
CA GLU A 230 -37.06 8.32 -2.13
C GLU A 230 -36.48 8.95 -3.40
N CYS A 231 -35.28 8.49 -3.83
CA CYS A 231 -34.54 8.93 -5.02
C CYS A 231 -34.97 8.23 -6.29
N LEU A 232 -35.73 7.12 -6.16
CA LEU A 232 -36.23 6.38 -7.30
C LEU A 232 -37.28 7.22 -8.09
N PRO A 233 -38.33 7.82 -7.46
CA PRO A 233 -39.28 8.63 -8.22
C PRO A 233 -38.75 10.04 -8.45
N SER A 240 -31.83 15.75 0.43
CA SER A 240 -31.70 15.50 1.88
C SER A 240 -30.48 14.64 2.20
N THR A 241 -29.84 14.90 3.38
CA THR A 241 -28.68 14.12 3.87
C THR A 241 -29.08 12.70 4.22
N ALA A 242 -30.42 12.46 4.42
CA ALA A 242 -31.02 11.17 4.75
C ALA A 242 -30.68 10.09 3.71
N MET A 243 -30.50 10.45 2.43
CA MET A 243 -30.17 9.47 1.38
C MET A 243 -28.82 8.76 1.65
N ASP A 244 -27.86 9.49 2.26
CA ASP A 244 -26.52 9.00 2.60
C ASP A 244 -26.56 7.97 3.72
N LYS A 245 -27.58 8.01 4.62
CA LYS A 245 -27.75 7.01 5.69
C LYS A 245 -28.13 5.69 5.05
N TRP A 246 -29.03 5.73 4.03
CA TRP A 246 -29.39 4.54 3.26
C TRP A 246 -28.13 3.99 2.51
N GLY A 247 -27.44 4.84 1.75
CA GLY A 247 -26.20 4.47 1.05
C GLY A 247 -25.20 3.82 1.97
N PHE A 248 -25.00 4.41 3.16
CA PHE A 248 -24.12 3.88 4.20
C PHE A 248 -24.55 2.47 4.68
N GLY A 249 -25.86 2.28 4.91
CA GLY A 249 -26.40 0.99 5.33
C GLY A 249 -26.19 -0.10 4.27
N ALA A 250 -26.48 0.21 2.99
CA ALA A 250 -26.28 -0.70 1.87
C ALA A 250 -24.77 -1.06 1.67
N THR A 251 -23.88 -0.10 1.94
CA THR A 251 -22.41 -0.26 1.84
C THR A 251 -21.91 -1.22 2.93
N LEU A 252 -22.48 -1.12 4.14
CA LEU A 252 -22.18 -2.00 5.27
C LEU A 252 -22.55 -3.43 4.93
N LEU A 253 -23.70 -3.65 4.26
CA LEU A 253 -24.10 -4.99 3.82
C LEU A 253 -23.10 -5.52 2.80
N GLU A 254 -22.72 -4.67 1.83
CA GLU A 254 -21.77 -5.00 0.78
C GLU A 254 -20.44 -5.40 1.41
N ILE A 255 -19.95 -4.62 2.41
CA ILE A 255 -18.69 -4.90 3.12
C ILE A 255 -18.80 -6.23 3.87
N CYS A 256 -19.89 -6.43 4.65
CA CYS A 256 -20.15 -7.66 5.38
C CYS A 256 -20.18 -8.88 4.46
N PHE A 257 -20.79 -8.75 3.27
CA PHE A 257 -20.85 -9.84 2.30
C PHE A 257 -19.64 -9.89 1.35
N ASP A 258 -18.48 -9.32 1.75
CA ASP A 258 -17.23 -9.33 0.97
C ASP A 258 -17.40 -8.82 -0.49
N GLY A 259 -18.08 -7.68 -0.64
CA GLY A 259 -18.31 -7.06 -1.93
C GLY A 259 -19.45 -7.65 -2.75
N GLU A 260 -20.23 -8.56 -2.16
CA GLU A 260 -21.38 -9.17 -2.82
C GLU A 260 -22.65 -8.51 -2.30
N ALA A 261 -23.04 -7.39 -2.91
CA ALA A 261 -24.23 -6.64 -2.51
C ALA A 261 -25.52 -7.38 -2.86
N PRO A 262 -26.58 -7.27 -2.00
CA PRO A 262 -27.86 -7.91 -2.33
C PRO A 262 -28.48 -7.31 -3.59
N LEU A 263 -29.25 -8.11 -4.37
CA LEU A 263 -29.98 -7.70 -5.57
C LEU A 263 -29.13 -7.34 -6.79
N GLN A 264 -27.80 -7.22 -6.63
CA GLN A 264 -26.88 -6.79 -7.70
C GLN A 264 -26.93 -7.66 -8.97
N SER A 265 -27.23 -8.97 -8.84
CA SER A 265 -27.35 -9.84 -10.00
C SER A 265 -28.70 -9.65 -10.70
N ARG A 266 -29.78 -9.48 -9.89
CA ARG A 266 -31.19 -9.31 -10.27
C ARG A 266 -31.42 -8.25 -11.37
N SER A 267 -32.50 -8.43 -12.15
CA SER A 267 -32.88 -7.56 -13.27
C SER A 267 -33.40 -6.18 -12.81
N PRO A 268 -33.39 -5.13 -13.70
CA PRO A 268 -33.92 -3.82 -13.29
C PRO A 268 -35.39 -3.86 -12.80
N SER A 269 -36.24 -4.65 -13.50
CA SER A 269 -37.65 -4.89 -13.14
C SER A 269 -37.76 -5.42 -11.71
N GLU A 270 -36.95 -6.46 -11.38
CA GLU A 270 -36.88 -7.08 -10.05
C GLU A 270 -36.43 -6.07 -8.97
N LYS A 271 -35.37 -5.29 -9.26
CA LYS A 271 -34.81 -4.27 -8.38
C LYS A 271 -35.84 -3.19 -8.05
N GLU A 272 -36.52 -2.68 -9.08
CA GLU A 272 -37.58 -1.67 -8.97
C GLU A 272 -38.78 -2.20 -8.14
N HIS A 273 -39.22 -3.44 -8.45
CA HIS A 273 -40.31 -4.15 -7.75
C HIS A 273 -40.01 -4.28 -6.25
N PHE A 274 -38.74 -4.63 -5.92
CA PHE A 274 -38.23 -4.75 -4.57
C PHE A 274 -38.48 -3.47 -3.78
N TYR A 275 -38.16 -2.32 -4.39
CA TYR A 275 -38.39 -0.99 -3.80
C TYR A 275 -39.88 -0.61 -3.77
N GLN A 276 -40.62 -0.86 -4.87
CA GLN A 276 -42.07 -0.58 -5.00
C GLN A 276 -42.89 -1.28 -3.91
N ARG A 277 -42.54 -2.54 -3.60
CA ARG A 277 -43.22 -3.31 -2.55
C ARG A 277 -42.65 -3.02 -1.17
N GLN A 278 -41.54 -2.26 -1.11
CA GLN A 278 -40.86 -1.89 0.12
C GLN A 278 -40.32 -3.11 0.88
N HIS A 279 -39.82 -4.11 0.13
CA HIS A 279 -39.17 -5.27 0.71
C HIS A 279 -37.89 -4.79 1.38
N ARG A 280 -37.50 -5.42 2.48
CA ARG A 280 -36.29 -5.00 3.17
C ARG A 280 -35.11 -5.89 2.80
N LEU A 281 -33.92 -5.27 2.78
CA LEU A 281 -32.67 -5.93 2.46
C LEU A 281 -32.27 -6.91 3.57
N PRO A 282 -31.48 -7.97 3.29
CA PRO A 282 -31.12 -8.92 4.37
C PRO A 282 -30.38 -8.33 5.56
N GLU A 283 -30.39 -9.05 6.69
CA GLU A 283 -29.61 -8.62 7.85
C GLU A 283 -28.17 -9.09 7.58
N PRO A 284 -27.15 -8.29 7.93
CA PRO A 284 -25.78 -8.73 7.66
C PRO A 284 -25.38 -9.93 8.51
N SER A 285 -24.50 -10.81 7.95
CA SER A 285 -24.01 -12.02 8.63
C SER A 285 -23.18 -11.65 9.89
N CYS A 286 -22.72 -10.38 9.95
CA CYS A 286 -21.97 -9.77 11.03
C CYS A 286 -22.96 -9.22 12.07
N PRO A 287 -22.89 -9.68 13.34
CA PRO A 287 -23.89 -9.25 14.33
C PRO A 287 -23.74 -7.84 14.90
N GLN A 288 -22.49 -7.32 14.95
CA GLN A 288 -22.18 -5.97 15.48
C GLN A 288 -22.75 -4.83 14.61
N LEU A 289 -23.12 -5.12 13.35
CA LEU A 289 -23.66 -4.13 12.41
C LEU A 289 -25.14 -4.33 12.04
N ALA A 290 -25.78 -5.44 12.50
CA ALA A 290 -27.18 -5.78 12.20
C ALA A 290 -28.21 -4.71 12.56
N THR A 291 -28.15 -4.14 13.78
CA THR A 291 -29.09 -3.11 14.25
C THR A 291 -28.86 -1.80 13.47
N LEU A 292 -27.58 -1.45 13.27
CA LEU A 292 -27.17 -0.26 12.53
C LEU A 292 -27.72 -0.24 11.11
N THR A 293 -27.49 -1.34 10.34
CA THR A 293 -27.95 -1.47 8.95
C THR A 293 -29.48 -1.42 8.85
N SER A 294 -30.17 -2.10 9.78
CA SER A 294 -31.64 -2.15 9.81
C SER A 294 -32.25 -0.77 10.04
N GLN A 295 -31.62 0.05 10.91
CA GLN A 295 -32.04 1.43 11.20
C GLN A 295 -31.77 2.36 10.02
N CYS A 296 -30.63 2.15 9.31
CA CYS A 296 -30.26 2.95 8.14
C CYS A 296 -31.13 2.61 6.95
N LEU A 297 -31.42 1.32 6.77
CA LEU A 297 -32.16 0.83 5.62
C LEU A 297 -33.68 0.80 5.88
N THR A 298 -34.18 1.93 6.39
CA THR A 298 -35.61 2.13 6.58
C THR A 298 -36.09 3.05 5.48
N TYR A 299 -37.23 2.69 4.88
CA TYR A 299 -37.88 3.43 3.81
C TYR A 299 -38.27 4.84 4.20
N GLU A 300 -38.61 5.06 5.49
CA GLU A 300 -38.95 6.38 6.01
C GLU A 300 -37.63 7.16 6.26
N PRO A 301 -37.31 8.17 5.42
CA PRO A 301 -36.03 8.89 5.61
C PRO A 301 -35.80 9.50 6.99
N THR A 302 -36.87 10.04 7.63
CA THR A 302 -36.81 10.67 8.96
C THR A 302 -36.53 9.68 10.09
N GLN A 303 -36.81 8.37 9.85
CA GLN A 303 -36.57 7.29 10.82
C GLN A 303 -35.08 6.85 10.89
N ARG A 304 -34.25 7.29 9.91
CA ARG A 304 -32.82 6.93 9.84
C ARG A 304 -31.97 7.67 10.92
N PRO A 305 -31.07 6.96 11.64
CA PRO A 305 -30.25 7.63 12.67
C PRO A 305 -29.28 8.62 12.07
N SER A 306 -28.91 9.64 12.85
CA SER A 306 -27.92 10.63 12.41
C SER A 306 -26.53 9.97 12.42
N PHE A 307 -25.57 10.54 11.66
CA PHE A 307 -24.22 10.00 11.64
C PHE A 307 -23.51 10.20 12.97
N ARG A 308 -23.90 11.24 13.75
CA ARG A 308 -23.42 11.49 15.11
C ARG A 308 -23.73 10.26 15.97
N THR A 309 -24.99 9.75 15.90
CA THR A 309 -25.46 8.55 16.60
C THR A 309 -24.70 7.31 16.08
N ILE A 310 -24.67 7.11 14.73
CA ILE A 310 -23.98 5.98 14.07
C ILE A 310 -22.51 5.92 14.51
N LEU A 311 -21.78 7.05 14.43
CA LEU A 311 -20.36 7.19 14.80
C LEU A 311 -20.15 6.90 16.26
N ARG A 312 -20.99 7.48 17.14
CA ARG A 312 -20.93 7.22 18.58
C ARG A 312 -21.08 5.70 18.80
N ASP A 313 -22.15 5.08 18.26
CA ASP A 313 -22.41 3.63 18.39
C ASP A 313 -21.31 2.72 17.80
N LEU A 314 -20.47 3.24 16.89
CA LEU A 314 -19.39 2.44 16.30
C LEU A 314 -18.14 2.40 17.19
N THR A 315 -17.97 3.38 18.11
CA THR A 315 -16.85 3.42 19.06
C THR A 315 -17.11 2.42 20.20
N SER B 28 17.43 -23.55 16.04
CA SER B 28 17.10 -23.75 14.62
C SER B 28 15.85 -22.92 14.21
N PHE B 29 14.99 -23.47 13.32
CA PHE B 29 13.77 -22.83 12.79
C PHE B 29 12.56 -23.78 12.87
N HIS B 30 11.35 -23.21 12.82
CA HIS B 30 10.10 -23.98 12.82
C HIS B 30 9.84 -24.60 11.42
N ARG B 31 9.28 -25.81 11.40
CA ARG B 31 8.90 -26.45 10.16
C ARG B 31 7.44 -26.09 9.91
N VAL B 32 7.14 -25.60 8.72
CA VAL B 32 5.79 -25.22 8.33
C VAL B 32 5.29 -26.28 7.34
N ASP B 33 4.08 -26.81 7.54
CA ASP B 33 3.49 -27.74 6.59
C ASP B 33 2.90 -26.92 5.44
N GLN B 34 2.91 -27.47 4.22
CA GLN B 34 2.33 -26.79 3.06
C GLN B 34 0.83 -26.51 3.21
N LYS B 35 0.12 -27.31 4.04
CA LYS B 35 -1.30 -27.16 4.36
C LYS B 35 -1.57 -25.86 5.13
N GLU B 36 -0.58 -25.34 5.86
CA GLU B 36 -0.71 -24.11 6.65
C GLU B 36 -0.57 -22.83 5.77
N ILE B 37 0.01 -22.94 4.57
CA ILE B 37 0.26 -21.73 3.78
C ILE B 37 -0.53 -21.67 2.45
N THR B 38 -0.81 -20.45 2.00
CA THR B 38 -1.45 -20.15 0.71
C THR B 38 -0.56 -19.12 0.01
N GLN B 39 -0.14 -19.44 -1.21
CA GLN B 39 0.71 -18.60 -2.05
C GLN B 39 -0.18 -17.67 -2.87
N LEU B 40 0.13 -16.39 -2.79
CA LEU B 40 -0.65 -15.37 -3.49
C LEU B 40 0.22 -14.63 -4.52
N SER B 41 0.02 -13.32 -4.72
CA SER B 41 0.75 -12.53 -5.73
C SER B 41 2.24 -12.58 -5.62
N HIS B 42 2.90 -12.56 -6.80
CA HIS B 42 4.33 -12.49 -6.97
C HIS B 42 4.76 -11.05 -6.66
N LEU B 43 5.75 -10.89 -5.78
CA LEU B 43 6.22 -9.57 -5.39
C LEU B 43 7.52 -9.20 -6.10
N GLY B 44 8.34 -10.20 -6.40
CA GLY B 44 9.60 -9.94 -7.06
C GLY B 44 10.51 -11.14 -6.99
N GLN B 45 11.78 -10.93 -7.29
CA GLN B 45 12.74 -12.02 -7.28
C GLN B 45 13.94 -11.67 -6.44
N GLY B 46 14.52 -12.69 -5.84
CA GLY B 46 15.76 -12.56 -5.08
C GLY B 46 16.80 -13.46 -5.70
N THR B 47 18.00 -13.51 -5.11
CA THR B 47 19.05 -14.40 -5.60
C THR B 47 18.58 -15.84 -5.37
N ARG B 48 18.25 -16.53 -6.48
CA ARG B 48 17.79 -17.91 -6.57
C ARG B 48 16.40 -18.11 -5.96
N THR B 49 15.61 -17.01 -5.85
CA THR B 49 14.27 -17.07 -5.25
C THR B 49 13.23 -16.27 -5.96
N ASN B 50 11.98 -16.61 -5.72
CA ASN B 50 10.81 -15.86 -6.16
C ASN B 50 10.07 -15.48 -4.90
N VAL B 51 9.66 -14.23 -4.80
CA VAL B 51 9.03 -13.72 -3.59
C VAL B 51 7.54 -13.52 -3.84
N TYR B 52 6.69 -14.06 -2.97
CA TYR B 52 5.23 -13.95 -3.03
C TYR B 52 4.63 -13.45 -1.74
N GLU B 53 3.43 -12.91 -1.85
CA GLU B 53 2.59 -12.60 -0.70
C GLU B 53 1.93 -13.92 -0.36
N GLY B 54 1.45 -14.06 0.85
CA GLY B 54 0.75 -15.29 1.15
C GLY B 54 -0.06 -15.23 2.40
N ARG B 55 -0.61 -16.37 2.79
CA ARG B 55 -1.34 -16.53 4.04
C ARG B 55 -0.80 -17.70 4.83
N LEU B 56 -0.66 -17.50 6.13
CA LEU B 56 -0.21 -18.53 7.07
C LEU B 56 -1.37 -18.72 8.08
N ARG B 57 -1.90 -19.96 8.14
CA ARG B 57 -3.03 -20.37 8.99
C ARG B 57 -2.66 -20.68 10.45
N GLU B 84 -5.35 -16.71 10.75
CA GLU B 84 -4.70 -16.30 9.49
C GLU B 84 -3.83 -15.04 9.55
N LEU B 85 -2.59 -15.14 9.04
CA LEU B 85 -1.63 -14.04 9.01
C LEU B 85 -1.18 -13.79 7.56
N ARG B 86 -1.04 -12.51 7.18
CA ARG B 86 -0.47 -12.16 5.89
C ARG B 86 1.04 -12.41 6.04
N VAL B 87 1.62 -13.19 5.13
CA VAL B 87 3.05 -13.49 5.18
C VAL B 87 3.72 -13.16 3.83
N VAL B 88 5.04 -13.32 3.78
CA VAL B 88 5.82 -13.25 2.57
C VAL B 88 6.52 -14.63 2.38
N LEU B 89 6.32 -15.25 1.23
CA LEU B 89 6.92 -16.55 0.87
C LEU B 89 8.10 -16.39 -0.05
N LYS B 90 9.26 -16.83 0.43
CA LYS B 90 10.49 -16.77 -0.36
C LYS B 90 10.77 -18.16 -0.84
N VAL B 91 10.38 -18.42 -2.10
CA VAL B 91 10.49 -19.72 -2.76
C VAL B 91 11.87 -19.89 -3.41
N LEU B 92 12.67 -20.79 -2.84
CA LEU B 92 13.99 -21.13 -3.37
C LEU B 92 13.82 -21.97 -4.65
N ASP B 93 14.61 -21.67 -5.67
CA ASP B 93 14.64 -22.42 -6.94
C ASP B 93 15.04 -23.87 -6.65
N PRO B 94 14.79 -24.85 -7.58
CA PRO B 94 15.38 -26.20 -7.38
C PRO B 94 16.89 -26.02 -7.25
N SER B 95 17.43 -26.53 -6.15
CA SER B 95 18.82 -26.27 -5.74
C SER B 95 19.54 -27.51 -5.19
N HIS B 96 20.87 -27.47 -5.21
CA HIS B 96 21.74 -28.45 -4.61
C HIS B 96 21.69 -28.26 -3.10
N HIS B 97 22.13 -29.29 -2.32
CA HIS B 97 22.10 -29.26 -0.87
C HIS B 97 22.92 -28.13 -0.24
N ASP B 98 24.03 -27.70 -0.87
CA ASP B 98 24.83 -26.60 -0.30
C ASP B 98 24.07 -25.24 -0.37
N ILE B 99 23.23 -25.06 -1.39
CA ILE B 99 22.44 -23.86 -1.57
C ILE B 99 21.26 -23.89 -0.60
N ALA B 100 20.54 -25.03 -0.55
CA ALA B 100 19.42 -25.20 0.39
C ALA B 100 19.94 -25.04 1.83
N LEU B 101 21.16 -25.58 2.14
CA LEU B 101 21.78 -25.44 3.47
C LEU B 101 22.08 -23.97 3.81
N ALA B 102 22.64 -23.17 2.87
CA ALA B 102 22.87 -21.74 3.08
C ALA B 102 21.52 -20.99 3.31
N PHE B 103 20.43 -21.49 2.71
CA PHE B 103 19.07 -20.95 2.88
C PHE B 103 18.54 -21.35 4.29
N TYR B 104 18.78 -22.60 4.74
CA TYR B 104 18.35 -23.05 6.09
C TYR B 104 19.09 -22.28 7.18
N GLU B 105 20.39 -22.03 6.99
CA GLU B 105 21.22 -21.25 7.89
C GLU B 105 20.64 -19.81 8.10
N THR B 106 20.14 -19.17 7.02
CA THR B 106 19.48 -17.85 7.06
C THR B 106 18.20 -17.92 7.89
N ALA B 107 17.41 -18.94 7.66
CA ALA B 107 16.18 -19.19 8.42
C ALA B 107 16.50 -19.39 9.93
N SER B 108 17.55 -20.17 10.22
CA SER B 108 18.05 -20.48 11.56
C SER B 108 18.49 -19.18 12.28
N LEU B 109 19.36 -18.38 11.66
CA LEU B 109 19.85 -17.10 12.16
C LEU B 109 18.68 -16.15 12.50
N MET B 110 17.75 -15.94 11.55
CA MET B 110 16.62 -15.04 11.68
C MET B 110 15.59 -15.51 12.70
N SER B 111 15.50 -16.83 12.93
CA SER B 111 14.58 -17.43 13.91
C SER B 111 15.12 -17.23 15.35
N GLN B 112 16.45 -17.13 15.53
CA GLN B 112 17.13 -16.97 16.82
C GLN B 112 17.42 -15.52 17.23
N VAL B 113 16.96 -14.55 16.42
CA VAL B 113 17.14 -13.13 16.72
C VAL B 113 15.78 -12.50 16.96
N SER B 114 15.77 -11.42 17.74
CA SER B 114 14.57 -10.67 18.02
C SER B 114 14.93 -9.20 18.24
N HIS B 115 14.53 -8.39 17.28
CA HIS B 115 14.78 -6.96 17.26
C HIS B 115 13.64 -6.36 16.49
N THR B 116 13.25 -5.20 16.92
CA THR B 116 12.17 -4.35 16.42
C THR B 116 12.41 -3.97 14.92
N HIS B 117 13.67 -3.81 14.52
CA HIS B 117 14.01 -3.48 13.14
C HIS B 117 14.54 -4.66 12.33
N LEU B 118 14.23 -5.89 12.75
CA LEU B 118 14.59 -7.12 12.02
C LEU B 118 13.31 -7.82 11.69
N ALA B 119 13.14 -8.23 10.41
CA ALA B 119 11.92 -8.94 10.03
C ALA B 119 11.89 -10.36 10.62
N PHE B 120 10.68 -10.80 10.99
CA PHE B 120 10.39 -12.08 11.59
C PHE B 120 10.37 -13.18 10.55
N VAL B 121 10.86 -14.35 10.95
CA VAL B 121 10.81 -15.57 10.15
C VAL B 121 9.95 -16.60 10.91
N HIS B 122 8.82 -16.96 10.31
CA HIS B 122 7.86 -17.93 10.84
C HIS B 122 8.39 -19.36 10.76
N GLY B 123 9.18 -19.64 9.74
CA GLY B 123 9.74 -20.96 9.52
C GLY B 123 9.97 -21.31 8.06
N VAL B 124 10.20 -22.60 7.81
CA VAL B 124 10.52 -23.11 6.48
C VAL B 124 9.60 -24.24 6.14
N CYS B 125 9.12 -24.23 4.90
CA CYS B 125 8.29 -25.26 4.32
C CYS B 125 9.06 -25.95 3.18
N VAL B 126 9.03 -27.28 3.14
CA VAL B 126 9.64 -28.04 2.06
C VAL B 126 8.49 -28.55 1.15
N ARG B 127 8.38 -28.02 -0.09
CA ARG B 127 7.31 -28.32 -1.06
C ARG B 127 7.93 -28.88 -2.34
N GLY B 128 8.03 -30.20 -2.41
CA GLY B 128 8.65 -30.94 -3.49
C GLY B 128 10.11 -30.55 -3.60
N PRO B 129 10.54 -30.04 -4.77
CA PRO B 129 11.94 -29.59 -4.87
C PRO B 129 12.16 -28.13 -4.37
N GLU B 130 11.10 -27.47 -3.84
CA GLU B 130 11.14 -26.08 -3.37
C GLU B 130 11.24 -25.95 -1.85
N ASN B 131 12.13 -25.08 -1.41
CA ASN B 131 12.29 -24.67 -0.02
C ASN B 131 11.66 -23.29 0.04
N ILE B 132 10.72 -23.11 0.99
CA ILE B 132 9.97 -21.88 1.16
C ILE B 132 10.24 -21.29 2.52
N MET B 133 10.83 -20.10 2.57
CA MET B 133 10.98 -19.41 3.84
C MET B 133 9.72 -18.56 4.04
N VAL B 134 9.04 -18.76 5.17
CA VAL B 134 7.81 -18.09 5.54
C VAL B 134 8.23 -16.95 6.44
N THR B 135 8.03 -15.72 5.96
CA THR B 135 8.50 -14.52 6.62
C THR B 135 7.41 -13.50 6.82
N GLU B 136 7.70 -12.54 7.69
CA GLU B 136 6.86 -11.40 7.99
C GLU B 136 6.54 -10.60 6.70
N TYR B 137 5.26 -10.23 6.55
CA TYR B 137 4.80 -9.36 5.48
C TYR B 137 4.91 -7.93 6.02
N VAL B 138 5.55 -7.07 5.25
CA VAL B 138 5.68 -5.69 5.61
C VAL B 138 4.83 -4.86 4.62
N GLU B 139 3.97 -3.99 5.16
CA GLU B 139 3.02 -3.16 4.42
C GLU B 139 3.49 -2.54 3.11
N HIS B 140 4.58 -1.77 3.13
CA HIS B 140 5.01 -0.96 2.00
C HIS B 140 6.18 -1.51 1.20
N GLY B 141 6.70 -2.68 1.60
CA GLY B 141 7.78 -3.30 0.86
C GLY B 141 9.13 -2.62 0.81
N PRO B 142 9.97 -3.04 -0.19
CA PRO B 142 11.37 -2.53 -0.27
C PRO B 142 11.54 -1.03 -0.45
N LEU B 143 12.48 -0.48 0.35
CA LEU B 143 12.88 0.91 0.45
C LEU B 143 13.39 1.48 -0.88
N ASP B 144 14.26 0.72 -1.60
CA ASP B 144 14.84 1.18 -2.86
C ASP B 144 13.76 1.55 -3.91
N VAL B 145 12.71 0.75 -4.01
CA VAL B 145 11.59 0.93 -4.93
C VAL B 145 10.86 2.23 -4.60
N TRP B 146 10.61 2.48 -3.30
CA TRP B 146 9.93 3.66 -2.81
C TRP B 146 10.76 4.93 -3.00
N LEU B 147 12.10 4.85 -2.81
CA LEU B 147 12.97 6.00 -3.00
C LEU B 147 12.96 6.47 -4.47
N ARG B 148 12.93 5.53 -5.44
CA ARG B 148 12.90 5.85 -6.88
C ARG B 148 11.57 6.46 -7.31
N ARG B 149 10.45 5.97 -6.75
CA ARG B 149 9.10 6.48 -7.03
C ARG B 149 8.94 7.92 -6.46
N GLU B 150 9.57 8.20 -5.29
CA GLU B 150 9.51 9.47 -4.56
C GLU B 150 10.74 10.38 -4.73
N ARG B 151 11.62 10.06 -5.72
CA ARG B 151 12.88 10.79 -5.97
C ARG B 151 12.67 12.31 -6.02
N GLY B 152 13.50 13.00 -5.25
CA GLY B 152 13.49 14.46 -5.11
C GLY B 152 12.48 14.98 -4.11
N HIS B 153 11.71 14.08 -3.46
CA HIS B 153 10.68 14.47 -2.49
C HIS B 153 10.81 13.76 -1.14
N VAL B 154 12.01 13.20 -0.87
CA VAL B 154 12.30 12.49 0.38
C VAL B 154 13.16 13.40 1.25
N PRO B 155 12.60 13.91 2.38
CA PRO B 155 13.38 14.82 3.24
C PRO B 155 14.58 14.16 3.92
N MET B 156 15.59 14.97 4.23
CA MET B 156 16.81 14.54 4.89
C MET B 156 16.54 13.97 6.28
N ALA B 157 15.58 14.56 7.02
CA ALA B 157 15.20 14.12 8.35
C ALA B 157 14.63 12.68 8.33
N TRP B 158 13.86 12.35 7.26
CA TRP B 158 13.28 11.03 7.00
C TRP B 158 14.43 10.01 6.81
N LYS B 159 15.45 10.39 6.03
CA LYS B 159 16.62 9.57 5.71
C LYS B 159 17.47 9.26 6.95
N MET B 160 17.55 10.21 7.89
CA MET B 160 18.31 10.09 9.14
C MET B 160 17.63 9.11 10.06
N VAL B 161 16.27 9.12 10.09
CA VAL B 161 15.45 8.18 10.88
C VAL B 161 15.76 6.74 10.40
N VAL B 162 15.73 6.50 9.07
CA VAL B 162 16.04 5.20 8.43
C VAL B 162 17.45 4.73 8.81
N ALA B 163 18.46 5.61 8.64
CA ALA B 163 19.86 5.34 8.96
C ALA B 163 20.04 4.87 10.41
N GLN B 164 19.40 5.60 11.35
CA GLN B 164 19.45 5.33 12.79
C GLN B 164 18.88 3.97 13.09
N GLN B 165 17.68 3.67 12.51
CA GLN B 165 16.95 2.42 12.72
C GLN B 165 17.73 1.24 12.13
N LEU B 166 18.36 1.43 10.97
CA LEU B 166 19.17 0.42 10.34
C LEU B 166 20.43 0.15 11.20
N ALA B 167 21.10 1.20 11.68
CA ALA B 167 22.29 1.06 12.56
C ALA B 167 21.91 0.37 13.89
N SER B 168 20.68 0.62 14.41
CA SER B 168 20.18 -0.01 15.62
C SER B 168 20.09 -1.53 15.43
N ALA B 169 19.51 -1.99 14.26
CA ALA B 169 19.38 -3.41 13.93
C ALA B 169 20.74 -4.06 13.78
N LEU B 170 21.68 -3.33 13.15
CA LEU B 170 23.02 -3.86 12.88
C LEU B 170 23.93 -3.89 14.11
N SER B 171 23.72 -2.96 15.07
CA SER B 171 24.40 -2.88 16.37
C SER B 171 23.98 -4.09 17.21
N TYR B 172 22.68 -4.41 17.19
CA TYR B 172 22.15 -5.58 17.87
C TYR B 172 22.84 -6.89 17.36
N LEU B 173 22.96 -7.04 16.01
CA LEU B 173 23.60 -8.20 15.39
C LEU B 173 25.08 -8.23 15.73
N GLU B 174 25.76 -7.07 15.65
CA GLU B 174 27.20 -6.93 15.97
C GLU B 174 27.49 -7.43 17.41
N ASN B 175 26.67 -7.03 18.40
CA ASN B 175 26.80 -7.43 19.80
C ASN B 175 26.66 -8.93 20.00
N LYS B 176 25.89 -9.58 19.12
CA LYS B 176 25.69 -11.03 19.15
C LYS B 176 26.70 -11.75 18.24
N ASN B 177 27.64 -11.00 17.64
CA ASN B 177 28.64 -11.49 16.68
C ASN B 177 27.99 -12.26 15.50
N LEU B 178 26.90 -11.70 14.98
CA LEU B 178 26.13 -12.27 13.87
C LEU B 178 26.25 -11.39 12.68
N VAL B 179 26.41 -12.01 11.49
CA VAL B 179 26.55 -11.28 10.23
C VAL B 179 25.31 -11.45 9.35
N HIS B 180 24.84 -10.33 8.80
CA HIS B 180 23.72 -10.30 7.88
C HIS B 180 24.27 -10.70 6.49
N GLY B 181 25.21 -9.90 5.99
CA GLY B 181 25.88 -10.17 4.73
C GLY B 181 25.23 -9.63 3.48
N ASN B 182 24.02 -9.03 3.60
CA ASN B 182 23.32 -8.49 2.45
C ASN B 182 22.54 -7.21 2.78
N VAL B 183 23.24 -6.22 3.33
CA VAL B 183 22.61 -4.95 3.66
C VAL B 183 22.56 -4.11 2.39
N CYS B 184 21.35 -3.77 1.95
CA CYS B 184 21.08 -2.93 0.78
C CYS B 184 19.64 -2.42 0.94
N GLY B 185 19.28 -1.37 0.17
CA GLY B 185 17.95 -0.78 0.18
C GLY B 185 16.82 -1.74 -0.10
N ARG B 186 17.07 -2.70 -1.02
CA ARG B 186 16.08 -3.73 -1.37
C ARG B 186 15.69 -4.60 -0.18
N ASN B 187 16.63 -4.87 0.75
CA ASN B 187 16.39 -5.65 1.96
C ASN B 187 15.88 -4.81 3.13
N ILE B 188 15.63 -3.54 2.88
CA ILE B 188 15.07 -2.66 3.91
C ILE B 188 13.60 -2.51 3.59
N LEU B 189 12.76 -2.94 4.52
CA LEU B 189 11.31 -2.94 4.29
C LEU B 189 10.64 -1.85 5.06
N LEU B 190 9.64 -1.19 4.45
CA LEU B 190 8.91 -0.10 5.10
C LEU B 190 7.64 -0.59 5.78
N ALA B 191 7.65 -0.76 7.13
CA ALA B 191 6.46 -1.12 7.90
C ALA B 191 5.56 0.12 8.02
N ARG B 192 6.17 1.29 8.14
CA ARG B 192 5.49 2.58 8.17
C ARG B 192 6.28 3.47 7.22
N LEU B 193 5.57 4.22 6.36
CA LEU B 193 6.14 5.22 5.47
C LEU B 193 6.15 6.51 6.30
N SER B 200 6.76 9.38 11.26
CA SER B 200 8.07 9.13 10.70
C SER B 200 8.20 7.67 10.14
N PRO B 201 9.23 7.31 9.37
CA PRO B 201 9.29 5.92 8.84
C PRO B 201 9.68 4.86 9.90
N PHE B 202 9.30 3.59 9.63
CA PHE B 202 9.64 2.46 10.49
C PHE B 202 10.08 1.33 9.58
N ILE B 203 11.35 0.92 9.73
CA ILE B 203 11.92 -0.13 8.88
C ILE B 203 12.13 -1.46 9.59
N LYS B 204 12.24 -2.53 8.79
CA LYS B 204 12.63 -3.87 9.18
C LYS B 204 13.59 -4.33 8.13
N LEU B 205 14.75 -4.77 8.59
CA LEU B 205 15.77 -5.35 7.73
C LEU B 205 15.33 -6.79 7.50
N SER B 206 15.22 -7.15 6.22
CA SER B 206 14.81 -8.47 5.78
C SER B 206 15.90 -9.50 6.10
N ASP B 207 15.56 -10.79 6.01
CA ASP B 207 16.52 -11.87 6.12
C ASP B 207 17.51 -11.69 4.93
N PRO B 208 18.76 -12.18 5.04
CA PRO B 208 19.68 -12.04 3.90
C PRO B 208 19.48 -12.98 2.70
N GLY B 209 18.42 -13.79 2.67
CA GLY B 209 18.18 -14.80 1.61
C GLY B 209 19.25 -15.87 1.58
N VAL B 210 19.62 -16.41 0.40
CA VAL B 210 20.71 -17.39 0.29
C VAL B 210 22.02 -16.73 0.75
N GLY B 211 22.73 -17.37 1.68
CA GLY B 211 23.99 -16.88 2.22
C GLY B 211 25.03 -16.55 1.17
N LEU B 212 25.76 -15.46 1.39
CA LEU B 212 26.84 -14.93 0.54
C LEU B 212 27.92 -15.97 0.19
N GLY B 213 28.26 -16.84 1.16
CA GLY B 213 29.28 -17.88 1.02
C GLY B 213 28.97 -18.95 -0.02
N ALA B 214 27.67 -19.17 -0.32
CA ALA B 214 27.21 -20.17 -1.26
C ALA B 214 27.07 -19.67 -2.71
N LEU B 215 27.21 -18.34 -2.95
CA LEU B 215 27.04 -17.79 -4.29
C LEU B 215 28.29 -17.83 -5.16
N SER B 216 28.09 -17.77 -6.50
CA SER B 216 29.16 -17.73 -7.51
C SER B 216 29.77 -16.34 -7.55
N ARG B 217 31.00 -16.22 -8.11
CA ARG B 217 31.71 -14.94 -8.25
C ARG B 217 30.85 -13.92 -9.00
N GLU B 218 30.18 -14.37 -10.09
CA GLU B 218 29.26 -13.61 -10.94
C GLU B 218 28.14 -12.99 -10.09
N GLU B 219 27.55 -13.79 -9.18
CA GLU B 219 26.50 -13.30 -8.25
C GLU B 219 27.07 -12.29 -7.26
N ARG B 220 28.32 -12.48 -6.79
CA ARG B 220 28.96 -11.56 -5.88
C ARG B 220 29.30 -10.23 -6.55
N VAL B 221 29.73 -10.26 -7.83
CA VAL B 221 30.04 -9.06 -8.64
C VAL B 221 28.76 -8.25 -8.86
N GLU B 222 27.62 -8.94 -9.05
CA GLU B 222 26.30 -8.30 -9.21
C GLU B 222 25.90 -7.49 -7.96
N ARG B 223 26.48 -7.83 -6.77
CA ARG B 223 26.15 -7.14 -5.52
C ARG B 223 27.01 -5.91 -5.21
N ILE B 224 27.98 -5.58 -6.10
CA ILE B 224 28.80 -4.35 -6.00
C ILE B 224 27.85 -3.14 -6.29
N PRO B 225 27.84 -2.03 -5.54
CA PRO B 225 28.75 -1.61 -4.46
C PRO B 225 28.40 -2.03 -3.02
N TRP B 226 27.33 -2.84 -2.82
CA TRP B 226 26.92 -3.25 -1.48
C TRP B 226 27.84 -4.30 -0.88
N LEU B 227 28.35 -5.19 -1.73
CA LEU B 227 29.24 -6.27 -1.37
C LEU B 227 30.57 -5.72 -0.83
N ALA B 228 30.99 -6.18 0.35
CA ALA B 228 32.27 -5.82 0.96
C ALA B 228 33.41 -6.33 0.06
N PRO B 229 34.48 -5.52 -0.18
CA PRO B 229 35.55 -5.96 -1.11
C PRO B 229 36.27 -7.26 -0.72
N GLU B 230 36.38 -7.56 0.58
CA GLU B 230 37.01 -8.78 1.12
C GLU B 230 36.20 -10.04 0.75
N CYS B 231 34.95 -9.84 0.31
CA CYS B 231 34.01 -10.88 -0.09
C CYS B 231 34.08 -11.21 -1.56
N LEU B 232 34.75 -10.36 -2.35
CA LEU B 232 34.92 -10.58 -3.78
C LEU B 232 35.81 -11.81 -4.07
N PRO B 233 37.03 -11.95 -3.46
CA PRO B 233 37.83 -13.16 -3.73
C PRO B 233 37.41 -14.32 -2.85
N SER B 240 33.08 -12.23 8.98
CA SER B 240 33.31 -11.08 9.88
C SER B 240 32.16 -10.10 9.82
N THR B 241 31.84 -9.46 10.98
CA THR B 241 30.76 -8.45 11.10
C THR B 241 31.13 -7.19 10.33
N ALA B 242 32.44 -7.02 10.01
CA ALA B 242 33.00 -5.89 9.26
C ALA B 242 32.35 -5.71 7.88
N MET B 243 31.91 -6.80 7.22
CA MET B 243 31.26 -6.71 5.90
C MET B 243 29.97 -5.88 5.94
N ASP B 244 29.23 -5.95 7.07
CA ASP B 244 27.98 -5.23 7.29
C ASP B 244 28.21 -3.74 7.43
N LYS B 245 29.44 -3.30 7.87
CA LYS B 245 29.78 -1.85 7.94
C LYS B 245 29.88 -1.29 6.54
N TRP B 246 30.49 -2.07 5.63
CA TRP B 246 30.56 -1.70 4.22
C TRP B 246 29.13 -1.65 3.61
N GLY B 247 28.34 -2.73 3.78
CA GLY B 247 26.96 -2.79 3.30
C GLY B 247 26.15 -1.61 3.78
N PHE B 248 26.28 -1.27 5.07
CA PHE B 248 25.62 -0.12 5.69
C PHE B 248 26.02 1.21 5.03
N GLY B 249 27.33 1.39 4.78
CA GLY B 249 27.86 2.59 4.11
C GLY B 249 27.32 2.74 2.70
N ALA B 250 27.34 1.66 1.91
CA ALA B 250 26.80 1.65 0.53
C ALA B 250 25.26 1.92 0.50
N THR B 251 24.53 1.44 1.53
CA THR B 251 23.07 1.64 1.68
C THR B 251 22.76 3.11 1.97
N LEU B 252 23.59 3.76 2.78
CA LEU B 252 23.50 5.20 3.10
C LEU B 252 23.66 6.02 1.83
N LEU B 253 24.61 5.64 0.94
CA LEU B 253 24.78 6.33 -0.34
C LEU B 253 23.54 6.15 -1.20
N GLU B 254 23.03 4.92 -1.27
CA GLU B 254 21.84 4.58 -2.03
C GLU B 254 20.64 5.40 -1.53
N ILE B 255 20.46 5.51 -0.19
CA ILE B 255 19.41 6.30 0.43
C ILE B 255 19.56 7.78 0.08
N CYS B 256 20.77 8.34 0.28
CA CYS B 256 21.09 9.72 -0.05
C CYS B 256 20.79 10.04 -1.52
N PHE B 257 21.15 9.11 -2.44
CA PHE B 257 20.91 9.32 -3.87
C PHE B 257 19.50 8.86 -4.33
N ASP B 258 18.53 8.78 -3.40
CA ASP B 258 17.14 8.39 -3.71
C ASP B 258 17.02 7.05 -4.48
N GLY B 259 17.73 6.04 -4.00
CA GLY B 259 17.72 4.69 -4.57
C GLY B 259 18.58 4.51 -5.81
N GLU B 260 19.41 5.50 -6.14
CA GLU B 260 20.33 5.45 -7.27
C GLU B 260 21.74 5.17 -6.75
N ALA B 261 22.07 3.89 -6.54
CA ALA B 261 23.37 3.49 -6.02
C ALA B 261 24.48 3.71 -7.06
N PRO B 262 25.70 4.08 -6.61
CA PRO B 262 26.82 4.23 -7.56
C PRO B 262 27.18 2.90 -8.22
N LEU B 263 27.68 2.91 -9.46
CA LEU B 263 28.13 1.73 -10.24
C LEU B 263 27.06 0.76 -10.69
N GLN B 264 25.81 0.92 -10.23
CA GLN B 264 24.74 -0.02 -10.54
C GLN B 264 24.45 -0.23 -12.01
N SER B 265 24.62 0.82 -12.84
CA SER B 265 24.39 0.70 -14.27
C SER B 265 25.56 -0.02 -14.95
N ARG B 266 26.81 0.27 -14.49
CA ARG B 266 28.11 -0.23 -14.96
C ARG B 266 28.17 -1.76 -15.12
N SER B 267 29.03 -2.23 -16.04
CA SER B 267 29.22 -3.64 -16.37
C SER B 267 29.93 -4.44 -15.24
N PRO B 268 29.80 -5.80 -15.20
CA PRO B 268 30.52 -6.58 -14.17
C PRO B 268 32.04 -6.34 -14.15
N SER B 269 32.66 -6.28 -15.37
CA SER B 269 34.08 -6.01 -15.58
C SER B 269 34.47 -4.67 -14.92
N GLU B 270 33.68 -3.61 -15.17
CA GLU B 270 33.86 -2.26 -14.60
C GLU B 270 33.75 -2.27 -13.07
N LYS B 271 32.73 -2.96 -12.54
CA LYS B 271 32.46 -3.10 -11.10
C LYS B 271 33.61 -3.80 -10.40
N GLU B 272 34.08 -4.91 -10.96
CA GLU B 272 35.21 -5.69 -10.45
C GLU B 272 36.52 -4.87 -10.48
N HIS B 273 36.79 -4.16 -11.62
CA HIS B 273 37.95 -3.29 -11.82
C HIS B 273 38.00 -2.19 -10.75
N PHE B 274 36.81 -1.60 -10.46
CA PHE B 274 36.62 -0.56 -9.44
C PHE B 274 37.15 -1.04 -8.09
N TYR B 275 36.82 -2.27 -7.70
CA TYR B 275 37.26 -2.91 -6.46
C TYR B 275 38.73 -3.32 -6.54
N GLN B 276 39.18 -3.93 -7.67
CA GLN B 276 40.58 -4.36 -7.91
C GLN B 276 41.58 -3.20 -7.75
N ARG B 277 41.21 -2.01 -8.27
CA ARG B 277 42.05 -0.81 -8.17
C ARG B 277 41.84 -0.09 -6.85
N GLN B 278 40.82 -0.51 -6.06
CA GLN B 278 40.46 0.07 -4.77
C GLN B 278 40.01 1.54 -4.90
N HIS B 279 39.28 1.85 -5.99
CA HIS B 279 38.69 3.17 -6.17
C HIS B 279 37.63 3.36 -5.08
N ARG B 280 37.45 4.58 -4.60
CA ARG B 280 36.48 4.82 -3.55
C ARG B 280 35.18 5.36 -4.11
N LEU B 281 34.08 5.00 -3.47
CA LEU B 281 32.72 5.41 -3.85
C LEU B 281 32.52 6.89 -3.56
N PRO B 282 31.59 7.58 -4.28
CA PRO B 282 31.42 9.03 -4.04
C PRO B 282 31.02 9.42 -2.62
N GLU B 283 31.21 10.70 -2.29
CA GLU B 283 30.74 11.22 -1.00
C GLU B 283 29.24 11.50 -1.19
N PRO B 284 28.41 11.23 -0.17
CA PRO B 284 26.97 11.50 -0.34
C PRO B 284 26.67 13.00 -0.42
N SER B 285 25.62 13.37 -1.18
CA SER B 285 25.16 14.75 -1.32
C SER B 285 24.63 15.31 0.03
N CYS B 286 24.28 14.40 1.00
CA CYS B 286 23.83 14.69 2.38
C CYS B 286 25.09 14.89 3.29
N PRO B 287 25.34 16.12 3.83
CA PRO B 287 26.60 16.37 4.58
C PRO B 287 26.72 15.69 5.93
N GLN B 288 25.58 15.46 6.62
CA GLN B 288 25.55 14.82 7.94
C GLN B 288 25.98 13.34 7.92
N LEU B 289 26.02 12.70 6.72
CA LEU B 289 26.40 11.29 6.57
C LEU B 289 27.75 11.08 5.82
N ALA B 290 28.38 12.16 5.30
CA ALA B 290 29.64 12.11 4.53
C ALA B 290 30.81 11.42 5.25
N THR B 291 31.07 11.79 6.52
CA THR B 291 32.18 11.24 7.32
C THR B 291 31.90 9.77 7.65
N LEU B 292 30.63 9.48 8.02
CA LEU B 292 30.17 8.14 8.36
C LEU B 292 30.39 7.16 7.20
N THR B 293 29.89 7.50 5.98
CA THR B 293 30.02 6.66 4.80
C THR B 293 31.46 6.41 4.41
N SER B 294 32.30 7.46 4.48
CA SER B 294 33.73 7.39 4.15
C SER B 294 34.48 6.44 5.08
N GLN B 295 34.14 6.44 6.37
CA GLN B 295 34.72 5.55 7.39
C GLN B 295 34.27 4.10 7.19
N CYS B 296 32.98 3.90 6.78
CA CYS B 296 32.41 2.57 6.55
C CYS B 296 32.94 1.99 5.27
N LEU B 297 33.08 2.82 4.24
CA LEU B 297 33.49 2.38 2.92
C LEU B 297 35.02 2.42 2.75
N THR B 298 35.72 1.86 3.74
CA THR B 298 37.17 1.70 3.68
C THR B 298 37.45 0.23 3.39
N TYR B 299 38.38 0.01 2.46
CA TYR B 299 38.82 -1.30 2.01
C TYR B 299 39.42 -2.15 3.11
N GLU B 300 40.06 -1.51 4.12
CA GLU B 300 40.61 -2.19 5.28
C GLU B 300 39.46 -2.50 6.25
N PRO B 301 39.03 -3.78 6.38
CA PRO B 301 37.89 -4.10 7.28
C PRO B 301 38.04 -3.64 8.73
N THR B 302 39.27 -3.73 9.29
CA THR B 302 39.58 -3.34 10.67
C THR B 302 39.47 -1.83 10.91
N GLN B 303 39.58 -1.02 9.84
CA GLN B 303 39.49 0.45 9.89
C GLN B 303 38.03 0.97 9.99
N ARG B 304 37.03 0.08 9.75
CA ARG B 304 35.60 0.43 9.80
C ARG B 304 35.09 0.65 11.23
N PRO B 305 34.32 1.75 11.51
CA PRO B 305 33.83 1.97 12.87
C PRO B 305 32.84 0.91 13.31
N SER B 306 32.73 0.67 14.62
CA SER B 306 31.75 -0.27 15.16
C SER B 306 30.34 0.37 15.05
N PHE B 307 29.29 -0.45 15.10
CA PHE B 307 27.92 0.06 15.03
C PHE B 307 27.57 0.84 16.27
N ARG B 308 28.20 0.53 17.42
CA ARG B 308 28.08 1.26 18.69
C ARG B 308 28.50 2.73 18.44
N THR B 309 29.66 2.93 17.77
CA THR B 309 30.19 4.24 17.38
C THR B 309 29.24 4.91 16.38
N ILE B 310 28.88 4.20 15.27
CA ILE B 310 27.97 4.69 14.23
C ILE B 310 26.63 5.18 14.84
N LEU B 311 26.01 4.35 15.70
CA LEU B 311 24.73 4.64 16.37
C LEU B 311 24.85 5.87 17.30
N ARG B 312 25.92 5.89 18.12
CA ARG B 312 26.29 7.02 18.99
C ARG B 312 26.44 8.33 18.16
N ASP B 313 27.15 8.27 17.01
CA ASP B 313 27.34 9.43 16.12
C ASP B 313 26.07 9.84 15.35
N LEU B 314 25.06 8.96 15.25
CA LEU B 314 23.81 9.29 14.55
C LEU B 314 22.84 10.09 15.43
N THR B 315 22.99 10.02 16.77
CA THR B 315 22.16 10.77 17.72
C THR B 315 22.53 12.29 17.70
N ARG B 316 23.78 12.60 17.24
CA ARG B 316 24.33 13.95 17.14
C ARG B 316 24.63 14.32 15.70
C13 VZG C . -10.50 7.98 -7.41
C18 VZG C . -18.24 4.68 -10.66
C17 VZG C . -5.56 0.38 -8.04
C16 VZG C . -4.87 1.00 -9.20
C15 VZG C . -5.40 1.88 -8.10
C19 VZG C . -17.75 3.39 -10.81
C20 VZG C . -16.38 3.24 -10.94
C21 VZG C . -19.74 4.86 -10.62
C22 VZG C . -19.89 4.02 -8.27
C23 VZG C . -21.88 4.24 -9.69
C24 VZG C . -10.83 10.06 -6.19
C11 VZG C . -7.71 4.85 -7.81
C12 VZG C . -8.94 4.66 -8.43
C1 VZG C . -13.29 4.98 -9.84
C2 VZG C . -11.91 4.76 -9.72
C3 VZG C . -11.31 3.83 -10.56
C4 VZG C . -12.07 3.09 -11.46
C5 VZG C . -13.44 3.30 -11.56
C6 VZG C . -14.09 4.24 -10.76
C7 VZG C . -15.57 4.35 -10.87
N1 VZG C . -11.25 5.46 -8.69
O1 VZG C . -13.85 6.01 -9.09
C8 VZG C . -14.47 5.68 -7.85
C9 VZG C . -9.90 5.66 -8.35
C10 VZG C . -9.53 6.84 -7.65
N2 VZG C . -8.32 6.96 -7.08
N3 VZG C . -7.40 5.98 -7.17
N4 VZG C . -9.99 9.04 -6.78
O2 VZG C . -11.69 7.88 -7.68
N5 VZG C . -6.67 3.90 -7.77
C14 VZG C . -6.63 2.71 -8.40
O3 VZG C . -7.48 2.33 -9.19
N6 VZG C . -16.09 5.58 -10.77
N7 VZG C . -17.44 5.75 -10.66
O4 VZG C . -20.28 5.25 -11.63
N8 VZG C . -20.44 4.43 -9.56
H17 VZG C . -6.55 -0.06 -8.14
H18 VZG C . -5.01 -0.20 -7.31
H15 VZG C . -5.34 1.01 -10.19
H16 VZG C . -3.80 0.89 -9.34
H14 VZG C . -4.69 2.37 -7.42
H19 VZG C . -18.43 2.54 -10.82
H20 VZG C . -15.96 2.25 -11.13
H23 VZG C . -20.43 4.51 -7.46
H21 VZG C . -18.83 4.28 -8.14
H22 VZG C . -19.97 2.95 -8.09
H26 VZG C . -22.35 3.99 -8.74
H24 VZG C . -22.11 3.42 -10.38
H25 VZG C . -22.39 5.12 -10.06
H1 VZG C . -10.25 10.86 -5.73
H3 VZG C . -11.50 9.65 -5.43
H2 VZG C . -11.46 10.55 -6.94
H11 VZG C . -9.22 3.71 -8.89
H4 VZG C . -10.23 3.70 -10.61
H5 VZG C . -11.59 2.35 -12.09
H6 VZG C . -14.01 2.73 -12.30
H7 VZG C . -11.88 5.90 -8.03
H8 VZG C . -15.40 6.24 -7.91
H10 VZG C . -13.91 6.01 -6.98
H9 VZG C . -14.69 4.62 -7.74
H12 VZG C . -8.99 9.19 -6.69
H13 VZG C . -5.89 4.17 -7.19
C13 VZG D . 10.15 -9.40 3.33
C18 VZG D . 16.52 -9.93 -2.98
C17 VZG D . 3.33 -5.18 -0.99
C16 VZG D . 4.18 -3.96 -1.03
C15 VZG D . 4.37 -4.96 0.08
C19 VZG D . 15.96 -9.02 -3.87
C20 VZG D . 14.60 -8.77 -3.77
C21 VZG D . 18.00 -10.17 -3.05
C22 VZG D . 18.46 -7.78 -2.53
C23 VZG D . 20.29 -9.32 -3.12
C24 VZG D . 10.80 -10.49 5.41
C11 VZG D . 7.06 -7.14 1.60
C12 VZG D . 8.11 -7.49 0.74
C1 VZG D . 11.99 -8.89 -1.13
C2 VZG D . 10.65 -8.55 -0.87
C3 VZG D . 9.82 -8.24 -1.95
C4 VZG D . 10.29 -8.33 -3.25
C5 VZG D . 11.59 -8.75 -3.50
C6 VZG D . 12.48 -9.01 -2.44
C7 VZG D . 13.87 -9.41 -2.77
N1 VZG D . 10.17 -8.83 0.44
O1 VZG D . 12.81 -9.17 -0.04
C8 VZG D . 13.68 -8.15 0.41
C9 VZG D . 9.15 -8.27 1.24
C10 VZG D . 9.08 -8.61 2.62
N2 VZG D . 8.06 -8.21 3.40
N3 VZG D . 7.05 -7.47 2.88
N4 VZG D . 9.81 -9.92 4.51
O2 VZG D . 11.27 -9.52 2.85
N5 VZG D . 5.92 -6.39 1.24
C14 VZG D . 5.60 -5.84 0.05
O3 VZG D . 6.27 -5.97 -0.97
N6 VZG D . 14.43 -10.34 -1.99
N7 VZG D . 15.77 -10.60 -2.09
O4 VZG D . 18.38 -11.31 -3.31
N8 VZG D . 18.85 -9.15 -2.89
H17 VZG D . 3.46 -5.99 -1.71
H18 VZG D . 2.28 -5.12 -0.72
H15 VZG D . 3.75 -2.98 -0.83
H16 VZG D . 4.94 -3.85 -1.80
H14 VZG D . 4.04 -4.71 1.08
H19 VZG D . 16.57 -8.52 -4.62
H20 VZG D . 14.11 -8.12 -4.48
H23 VZG D . 17.65 -7.76 -1.80
H21 VZG D . 18.15 -7.22 -3.42
H22 VZG D . 19.27 -7.22 -2.09
H26 VZG D . 20.53 -9.28 -4.17
H24 VZG D . 20.65 -10.27 -2.73
H25 VZG D . 20.90 -8.54 -2.66
H1 VZG D . 11.26 -11.39 4.97
H3 VZG D . 11.60 -9.79 5.60
H2 VZG D . 10.38 -10.79 6.36
H11 VZG D . 8.19 -7.08 -0.26
H4 VZG D . 8.77 -7.99 -1.83
H5 VZG D . 9.64 -8.08 -4.08
H6 VZG D . 11.91 -8.88 -4.53
H7 VZG D . 10.65 -9.62 0.86
H8 VZG D . 14.23 -8.62 1.23
H10 VZG D . 14.38 -7.82 -0.36
H9 VZG D . 13.14 -7.27 0.78
H12 VZG D . 8.85 -9.92 4.85
H13 VZG D . 5.26 -6.29 2.00
#